data_7Y6L
#
_entry.id   7Y6L
#
_cell.length_a   1.00
_cell.length_b   1.00
_cell.length_c   1.00
_cell.angle_alpha   90.00
_cell.angle_beta   90.00
_cell.angle_gamma   90.00
#
_symmetry.space_group_name_H-M   'P 1'
#
loop_
_entity.id
_entity.type
_entity.pdbx_description
1 polymer 'Spike glycoprotein'
2 polymer 'Ab816 heavy chain'
3 polymer 'Ab816 light chain'
4 non-polymer 2-acetamido-2-deoxy-beta-D-glucopyranose
#
loop_
_entity_poly.entity_id
_entity_poly.type
_entity_poly.pdbx_seq_one_letter_code
_entity_poly.pdbx_strand_id
1 'polypeptide(L)'
;MFVFLVLLPLVSSQCVNLTTRTQLPPAYTNSFTRGVYYPDKVFRSSVLHSTQDLFLPFFSNVTWFHAIHVSGTNGTKRFD
NPVLPFNDGVYFASTEKSNIIRGWIFGTTLDSKTQSLLIVNNATNVVIKVCEFQFCNDPFLGVYYHKNNKSWMESEFRVY
SSANNCTFEYVSQPFLMDLEGKQGNFKNLREFVFKNIDGYFKIYSKHTPINLVRDLPQGFSALEPLVDLPIGINITRFQT
LLALHRSYLTPGDSSSGWTAGAAAYYVGYLQPRTFLLKYNENGTITDAVDCALDPLSETKCTLKSFTVEKGIYQTSNFRV
QPTESIVRFPNITNLCPFGEVFNATRFASVYAWNRKRISNCVADYSVLYNSASFSTFKCYGVSPTKLNDLCFTNVYADSF
VIRGDEVRQIAPGQTGKIADYNYKLPDDFTGCVIAWNSNNLDSKVGGNYNYLYRLFRKSNLKPFERDISTEIYQAGSTPC
NGVEGFNCYFPLQSYGFQPTNGVGYQPYRVVVLSFELLHAPATVCGPKKSTNLVKNKCVNFNFNGLTGTGVLTESNKKFL
PFQQFGRDIADTTDAVRDPQTLEILDITPCSFGGVSVITPGTNTSNQVAVLYQDVNCTEVPVAIHADQLTPTWRVYSTGS
NVFQTRAGCLIGAEHVNNSYECDIPIGAGICASYQTQTNSPGSASSVASQSIIAYTMSLGAENSVAYSNNSIAIPTNFTI
SVTTEILPVSMTKTSVDCTMYICGDSTECSNLLLQYGSFCTQLNRALTGIAVEQDKNTQEVFAQVKQIYKTPPIKDFGGF
NFSQILPDPSKPSKRSPIEDLLFNKVTLADAGFIKQYGDCLGDIAARDLICAQKFNGLTVLPPLLTDEMIAQYTSALLAG
TITSGWTFGAGPALQIPFPMQMAYRFNGIGVTQNVLYENQKLIANQFNSAIGKIQDSLSSTPSALGKLQDVVNQNAQALN
TLVKQLSSNFGAISSVLNDILSRLDPPEAEVQIDRLITGRLQSLQTYVTQQLIRAAEIRASANLAATKMSECVLGQSKRV
DFCGKGYHLMSFPQSAPHGVVFLHVTYVPAQEKNFTTAPAICHDGKAHFPREGVFVSNGTHWFVTQRNFYEPQIITTDNT
FVSGNCDVVIGIVNNTVYDPLQPELDSFKEELDKYFKNHTSPDVDLGDISGINASVVNIQKEIDRLNEVAKNLNESLIDL
QELGKYEQAAAGSGYIPEAPRDGQAYVRKDGEWVLLSTFLGSSGRENLYFQGGGGSGLNDIFEAQKIEWHEGHHHHHH
;
A
2 'polypeptide(L)'
;MDPKGSLSWRILLFLSLAFELSYGLEQVQLVQSGAEVKKPGESLMISCKASGYNFRNYWIAWVRQMPGKGLEWMGIIHPG
DSDIRYRPSLQGHVTISADKSITTAYLQWGSLKASDTAMYYCTRITTDADSSGLFHYWGQGTLVTVSSASTKGPSVFPLA
PSSKSTSGGTAALGCLVKDYFPEPVTVSWNSGALTSGVHTFPAVLQSSGLYSLSSVVTVPSSSLGTQTYICNVNHKPSNT
KVDKKVEPKSCENLYFQGHHHHHH
;
H
3 'polypeptide(L)'
;MDPKGSLSWRILLFLSLAFELSYGLEEIVLTQSPSTLSASVGDRVTITCRASQNIYTWLAWYQRKPGKAPKVLIYKASSL
ESGVPSRFSGSGSGTEFTLTISSLQPDDFATYYCQQYKSAWSFGQGTKVEIKRTVAAPSVFIFPPSDEQLKSGTASVVCL
LNNFYPREAKVQWKVDNALQSGNSQESVTEQDSKDSTYSLSSTLTLSKADYEKHKVYACEVTHQGLSSPVTKSFNRGE
;
L
#
loop_
_chem_comp.id
_chem_comp.type
_chem_comp.name
_chem_comp.formula
NAG D-saccharide, beta linking 2-acetamido-2-deoxy-beta-D-glucopyranose 'C8 H15 N O6'
#
# COMPACT_ATOMS: atom_id res chain seq x y z
N ASN A 334 -18.29 28.89 -24.39
CA ASN A 334 -17.19 28.28 -23.65
C ASN A 334 -17.53 26.85 -23.26
N LEU A 335 -16.77 26.31 -22.30
CA LEU A 335 -17.02 24.98 -21.76
C LEU A 335 -16.79 25.02 -20.26
N CYS A 336 -17.51 24.18 -19.52
CA CYS A 336 -17.32 24.11 -18.08
C CYS A 336 -15.94 23.55 -17.78
N PRO A 337 -15.18 24.13 -16.85
CA PRO A 337 -13.80 23.70 -16.60
C PRO A 337 -13.69 22.52 -15.64
N PHE A 338 -14.01 21.34 -16.15
CA PHE A 338 -13.83 20.11 -15.39
C PHE A 338 -12.41 19.56 -15.50
N GLY A 339 -11.58 20.13 -16.37
CA GLY A 339 -10.23 19.62 -16.53
C GLY A 339 -9.37 19.84 -15.31
N GLU A 340 -9.46 21.02 -14.69
CA GLU A 340 -8.59 21.35 -13.56
C GLU A 340 -9.12 20.84 -12.22
N VAL A 341 -10.28 20.18 -12.21
CA VAL A 341 -10.78 19.55 -11.00
C VAL A 341 -10.61 18.03 -11.02
N PHE A 342 -10.69 17.40 -12.19
CA PHE A 342 -10.50 15.96 -12.30
C PHE A 342 -9.04 15.61 -12.51
N ASN A 343 -8.44 16.13 -13.58
CA ASN A 343 -7.05 15.84 -13.92
C ASN A 343 -6.06 16.68 -13.13
N ALA A 344 -6.48 17.31 -12.04
CA ALA A 344 -5.57 18.11 -11.24
C ALA A 344 -4.48 17.24 -10.62
N THR A 345 -3.33 17.85 -10.40
CA THR A 345 -2.19 17.12 -9.85
C THR A 345 -2.19 17.05 -8.33
N ARG A 346 -2.95 17.92 -7.66
CA ARG A 346 -2.99 17.93 -6.21
C ARG A 346 -4.44 17.85 -5.74
N PHE A 347 -4.73 16.88 -4.89
CA PHE A 347 -6.04 16.74 -4.27
C PHE A 347 -5.90 16.94 -2.77
N ALA A 348 -6.84 17.66 -2.18
CA ALA A 348 -6.76 17.98 -0.77
C ALA A 348 -7.27 16.82 0.07
N SER A 349 -6.82 16.77 1.33
CA SER A 349 -7.26 15.74 2.25
C SER A 349 -8.73 15.96 2.62
N VAL A 350 -9.30 14.97 3.31
CA VAL A 350 -10.71 15.03 3.66
C VAL A 350 -11.02 16.05 4.74
N TYR A 351 -10.12 16.26 5.69
CA TYR A 351 -10.39 17.25 6.72
C TYR A 351 -10.34 18.67 6.16
N ALA A 352 -9.81 18.84 4.95
CA ALA A 352 -9.74 20.11 4.25
C ALA A 352 -10.16 19.94 2.80
N TRP A 353 -11.29 19.27 2.58
CA TRP A 353 -11.73 18.94 1.23
C TRP A 353 -11.87 20.19 0.38
N ASN A 354 -11.35 20.14 -0.83
CA ASN A 354 -11.28 21.34 -1.67
C ASN A 354 -12.61 21.58 -2.36
N ARG A 355 -13.15 22.77 -2.22
CA ARG A 355 -14.45 23.14 -2.78
C ARG A 355 -14.24 24.09 -3.95
N LYS A 356 -14.91 23.81 -5.07
CA LYS A 356 -14.84 24.67 -6.25
C LYS A 356 -16.25 24.94 -6.75
N ARG A 357 -16.56 26.22 -6.92
CA ARG A 357 -17.87 26.65 -7.39
C ARG A 357 -17.83 26.79 -8.91
N ILE A 358 -18.61 25.98 -9.61
CA ILE A 358 -18.67 26.00 -11.06
C ILE A 358 -20.00 26.64 -11.46
N SER A 359 -19.92 27.68 -12.28
CA SER A 359 -21.11 28.40 -12.72
C SER A 359 -20.77 29.14 -14.01
N ASN A 360 -21.82 29.54 -14.72
CA ASN A 360 -21.70 30.35 -15.94
C ASN A 360 -20.86 29.63 -17.00
N CYS A 361 -21.30 28.41 -17.32
CA CYS A 361 -20.69 27.64 -18.40
C CYS A 361 -21.70 26.61 -18.87
N VAL A 362 -21.30 25.80 -19.85
CA VAL A 362 -22.16 24.77 -20.43
C VAL A 362 -21.68 23.41 -19.95
N ALA A 363 -22.63 22.60 -19.49
CA ALA A 363 -22.32 21.30 -18.91
C ALA A 363 -22.14 20.25 -19.98
N ASP A 364 -21.19 19.34 -19.76
CA ASP A 364 -20.90 18.23 -20.67
C ASP A 364 -20.75 16.94 -19.87
N TYR A 365 -21.72 16.65 -19.02
CA TYR A 365 -21.63 15.54 -18.09
C TYR A 365 -21.48 14.19 -18.79
N SER A 366 -21.84 14.10 -20.07
CA SER A 366 -21.76 12.82 -20.77
C SER A 366 -20.33 12.29 -20.77
N VAL A 367 -19.35 13.16 -20.99
CA VAL A 367 -17.95 12.74 -20.95
C VAL A 367 -17.61 12.14 -19.59
N LEU A 368 -18.22 12.67 -18.52
CA LEU A 368 -18.02 12.09 -17.19
C LEU A 368 -18.54 10.67 -17.14
N TYR A 369 -19.70 10.40 -17.75
CA TYR A 369 -20.32 9.10 -17.60
C TYR A 369 -19.70 8.04 -18.51
N ASN A 370 -19.38 8.42 -19.74
CA ASN A 370 -18.92 7.46 -20.75
C ASN A 370 -17.40 7.30 -20.77
N SER A 371 -16.68 7.92 -19.83
CA SER A 371 -15.24 7.77 -19.79
C SER A 371 -14.83 6.34 -19.45
N ALA A 372 -15.61 5.67 -18.61
CA ALA A 372 -15.41 4.28 -18.21
C ALA A 372 -14.09 4.05 -17.48
N SER A 373 -13.37 5.10 -17.14
CA SER A 373 -12.16 4.99 -16.33
C SER A 373 -12.43 5.16 -14.85
N PHE A 374 -13.68 5.41 -14.47
CA PHE A 374 -14.05 5.66 -13.08
C PHE A 374 -14.53 4.36 -12.44
N SER A 375 -13.95 4.03 -11.28
CA SER A 375 -14.34 2.81 -10.60
C SER A 375 -15.77 2.87 -10.11
N THR A 376 -16.15 3.95 -9.42
CA THR A 376 -17.50 4.13 -8.92
C THR A 376 -18.06 5.45 -9.42
N PHE A 377 -19.32 5.43 -9.87
CA PHE A 377 -20.03 6.62 -10.33
C PHE A 377 -21.48 6.43 -9.92
N LYS A 378 -21.83 6.93 -8.74
CA LYS A 378 -23.15 6.71 -8.18
C LYS A 378 -23.88 8.05 -8.05
N CYS A 379 -25.08 8.12 -8.64
CA CYS A 379 -25.85 9.35 -8.64
C CYS A 379 -27.21 9.15 -7.99
N TYR A 380 -27.53 10.04 -7.05
CA TYR A 380 -28.79 10.04 -6.32
C TYR A 380 -29.61 11.25 -6.72
N GLY A 381 -30.93 11.10 -6.69
CA GLY A 381 -31.82 12.20 -7.02
C GLY A 381 -31.98 12.47 -8.51
N VAL A 382 -30.87 12.52 -9.23
CA VAL A 382 -30.88 12.74 -10.68
C VAL A 382 -30.23 11.53 -11.34
N SER A 383 -30.92 10.96 -12.32
CA SER A 383 -30.37 9.81 -13.02
C SER A 383 -29.18 10.25 -13.88
N PRO A 384 -28.13 9.43 -13.97
CA PRO A 384 -26.96 9.81 -14.78
C PRO A 384 -27.30 10.12 -16.23
N THR A 385 -28.25 9.39 -16.81
CA THR A 385 -28.64 9.66 -18.19
C THR A 385 -29.68 10.78 -18.31
N LYS A 386 -30.17 11.29 -17.19
CA LYS A 386 -31.20 12.32 -17.19
C LYS A 386 -30.72 13.67 -16.68
N LEU A 387 -29.45 13.78 -16.28
CA LEU A 387 -28.91 15.06 -15.84
C LEU A 387 -28.33 15.89 -16.97
N ASN A 388 -28.21 15.33 -18.18
CA ASN A 388 -27.63 16.05 -19.29
C ASN A 388 -28.48 17.25 -19.70
N ASP A 389 -29.80 17.08 -19.71
CA ASP A 389 -30.70 18.14 -20.14
C ASP A 389 -31.15 19.02 -18.96
N LEU A 390 -31.59 18.40 -17.87
CA LEU A 390 -31.99 19.17 -16.70
C LEU A 390 -30.80 19.93 -16.14
N CYS A 391 -31.01 21.20 -15.81
CA CYS A 391 -29.91 22.09 -15.46
C CYS A 391 -30.29 22.98 -14.29
N PHE A 392 -29.27 23.56 -13.67
CA PHE A 392 -29.41 24.29 -12.42
C PHE A 392 -28.74 25.66 -12.50
N THR A 393 -28.63 26.35 -11.37
CA THR A 393 -28.01 27.67 -11.35
C THR A 393 -26.51 27.62 -11.15
N ASN A 394 -26.02 26.77 -10.25
CA ASN A 394 -24.59 26.65 -9.99
C ASN A 394 -24.35 25.33 -9.29
N VAL A 395 -23.16 24.76 -9.52
CA VAL A 395 -22.82 23.47 -8.94
C VAL A 395 -21.58 23.65 -8.08
N TYR A 396 -21.43 22.78 -7.10
CA TYR A 396 -20.25 22.75 -6.24
C TYR A 396 -19.58 21.40 -6.42
N ALA A 397 -18.31 21.41 -6.82
CA ALA A 397 -17.51 20.20 -6.92
C ALA A 397 -16.52 20.21 -5.77
N ASP A 398 -16.69 19.31 -4.82
CA ASP A 398 -15.76 19.20 -3.70
C ASP A 398 -15.02 17.88 -3.81
N SER A 399 -13.70 17.96 -3.77
CA SER A 399 -12.83 16.82 -4.04
C SER A 399 -11.93 16.56 -2.85
N PHE A 400 -11.58 15.28 -2.69
CA PHE A 400 -10.70 14.83 -1.63
C PHE A 400 -10.17 13.44 -2.00
N VAL A 401 -9.46 12.82 -1.06
CA VAL A 401 -8.86 11.50 -1.25
C VAL A 401 -9.17 10.66 -0.04
N ILE A 402 -9.83 9.51 -0.25
CA ILE A 402 -10.17 8.63 0.86
C ILE A 402 -9.59 7.24 0.63
N ARG A 403 -9.85 6.33 1.56
CA ARG A 403 -9.49 4.94 1.38
C ARG A 403 -10.47 4.26 0.44
N GLY A 404 -10.05 3.12 -0.11
CA GLY A 404 -10.92 2.39 -1.02
C GLY A 404 -12.16 1.83 -0.36
N ASP A 405 -12.02 1.27 0.84
CA ASP A 405 -13.14 0.70 1.56
C ASP A 405 -14.02 1.76 2.20
N GLU A 406 -13.58 3.00 2.24
CA GLU A 406 -14.36 4.09 2.83
C GLU A 406 -15.15 4.87 1.80
N VAL A 407 -15.17 4.43 0.54
CA VAL A 407 -15.93 5.14 -0.48
C VAL A 407 -17.41 4.82 -0.39
N ARG A 408 -17.78 3.73 0.30
CA ARG A 408 -19.19 3.45 0.55
C ARG A 408 -19.80 4.45 1.52
N GLN A 409 -18.99 5.14 2.33
CA GLN A 409 -19.49 6.09 3.31
C GLN A 409 -19.89 7.42 2.69
N ILE A 410 -19.47 7.70 1.46
CA ILE A 410 -19.82 8.97 0.81
C ILE A 410 -21.16 8.74 0.14
N ALA A 411 -22.22 8.87 0.94
CA ALA A 411 -23.59 8.63 0.54
C ALA A 411 -24.53 9.10 1.66
N PRO A 412 -25.74 9.54 1.34
CA PRO A 412 -26.63 10.05 2.39
C PRO A 412 -26.97 8.98 3.42
N GLY A 413 -27.07 9.40 4.67
CA GLY A 413 -27.49 8.51 5.75
C GLY A 413 -26.58 7.34 6.00
N GLN A 414 -25.27 7.56 5.97
CA GLN A 414 -24.30 6.51 6.24
C GLN A 414 -23.34 6.97 7.34
N THR A 415 -22.91 6.03 8.16
CA THR A 415 -22.09 6.30 9.33
C THR A 415 -20.65 5.87 9.08
N GLY A 416 -19.84 5.99 10.12
CA GLY A 416 -18.41 5.74 10.04
C GLY A 416 -17.61 6.98 10.43
N LYS A 417 -16.29 6.77 10.51
CA LYS A 417 -15.40 7.87 10.89
C LYS A 417 -15.45 9.01 9.87
N ILE A 418 -15.28 8.67 8.59
CA ILE A 418 -15.23 9.70 7.55
C ILE A 418 -16.59 10.37 7.40
N ALA A 419 -17.66 9.59 7.39
CA ALA A 419 -18.99 10.16 7.17
C ALA A 419 -19.52 10.93 8.37
N ASP A 420 -18.87 10.84 9.53
CA ASP A 420 -19.34 11.54 10.71
C ASP A 420 -18.46 12.69 11.13
N TYR A 421 -17.14 12.57 11.01
CA TYR A 421 -16.23 13.59 11.49
C TYR A 421 -15.55 14.39 10.38
N ASN A 422 -15.59 13.91 9.14
CA ASN A 422 -14.83 14.52 8.06
C ASN A 422 -15.71 15.05 6.94
N TYR A 423 -16.66 14.24 6.44
CA TYR A 423 -17.46 14.64 5.29
C TYR A 423 -18.80 13.93 5.37
N LYS A 424 -19.86 14.68 5.67
CA LYS A 424 -21.21 14.14 5.81
C LYS A 424 -22.11 14.77 4.75
N LEU A 425 -22.84 13.94 4.04
CA LEU A 425 -23.79 14.45 3.07
C LEU A 425 -25.20 14.46 3.68
N PRO A 426 -26.01 15.44 3.33
CA PRO A 426 -27.40 15.46 3.83
C PRO A 426 -28.23 14.35 3.20
N ASP A 427 -29.29 13.99 3.91
CA ASP A 427 -30.18 12.95 3.41
C ASP A 427 -30.85 13.38 2.11
N ASP A 428 -31.27 14.64 2.02
CA ASP A 428 -31.83 15.18 0.78
C ASP A 428 -30.67 15.66 -0.07
N PHE A 429 -30.06 14.73 -0.81
CA PHE A 429 -28.89 15.01 -1.61
C PHE A 429 -29.24 14.95 -3.10
N THR A 430 -28.71 15.90 -3.86
CA THR A 430 -28.97 16.00 -5.29
C THR A 430 -27.77 15.70 -6.16
N GLY A 431 -26.57 16.10 -5.74
CA GLY A 431 -25.37 15.78 -6.49
C GLY A 431 -25.05 14.30 -6.40
N CYS A 432 -23.85 13.95 -6.84
CA CYS A 432 -23.47 12.55 -6.82
C CYS A 432 -21.95 12.39 -6.83
N VAL A 433 -21.51 11.15 -6.69
CA VAL A 433 -20.14 10.83 -6.32
C VAL A 433 -19.45 10.14 -7.49
N ILE A 434 -18.27 10.63 -7.85
CA ILE A 434 -17.39 9.98 -8.83
C ILE A 434 -16.08 9.69 -8.10
N ALA A 435 -15.76 8.41 -7.94
CA ALA A 435 -14.55 8.01 -7.26
C ALA A 435 -13.77 7.06 -8.15
N TRP A 436 -12.49 7.37 -8.36
CA TRP A 436 -11.64 6.53 -9.18
C TRP A 436 -10.33 6.26 -8.47
N ASN A 437 -9.79 5.07 -8.69
CA ASN A 437 -8.56 4.67 -8.03
C ASN A 437 -7.40 5.52 -8.54
N SER A 438 -6.50 5.88 -7.62
CA SER A 438 -5.30 6.64 -7.94
C SER A 438 -4.09 6.00 -7.27
N ASN A 439 -3.96 4.69 -7.41
CA ASN A 439 -2.83 3.99 -6.81
C ASN A 439 -1.52 4.34 -7.49
N ASN A 440 -1.55 4.69 -8.78
CA ASN A 440 -0.34 5.02 -9.50
C ASN A 440 0.07 6.49 -9.33
N LEU A 441 -0.75 7.30 -8.65
CA LEU A 441 -0.44 8.70 -8.44
C LEU A 441 -0.28 9.05 -6.97
N ASP A 442 -1.27 8.71 -6.13
CA ASP A 442 -1.29 9.19 -4.76
C ASP A 442 -0.63 8.25 -3.76
N SER A 443 -0.19 7.08 -4.20
CA SER A 443 0.50 6.16 -3.30
C SER A 443 1.97 6.07 -3.69
N LYS A 444 2.83 6.08 -2.68
CA LYS A 444 4.27 6.03 -2.85
C LYS A 444 4.85 5.02 -1.88
N VAL A 445 5.81 4.23 -2.34
CA VAL A 445 6.40 3.21 -1.50
C VAL A 445 7.06 3.85 -0.29
N GLY A 446 6.95 3.19 0.86
CA GLY A 446 7.44 3.72 2.11
C GLY A 446 6.45 4.55 2.89
N GLY A 447 5.30 4.87 2.30
CA GLY A 447 4.28 5.60 3.02
C GLY A 447 4.10 7.03 2.56
N ASN A 448 2.97 7.30 1.89
CA ASN A 448 2.60 8.67 1.52
C ASN A 448 1.75 9.24 2.64
N TYR A 449 2.37 10.00 3.54
CA TYR A 449 1.71 10.54 4.71
C TYR A 449 1.18 11.95 4.49
N ASN A 450 1.09 12.41 3.24
CA ASN A 450 0.58 13.75 2.98
C ASN A 450 -0.91 13.86 3.27
N TYR A 451 -1.66 12.79 3.05
CA TYR A 451 -3.12 12.83 3.19
C TYR A 451 -3.52 12.47 4.62
N LEU A 452 -4.36 13.31 5.23
CA LEU A 452 -4.80 13.14 6.60
C LEU A 452 -6.31 13.01 6.65
N TYR A 453 -6.80 12.53 7.80
CA TYR A 453 -8.23 12.46 8.03
C TYR A 453 -8.47 12.60 9.53
N ARG A 454 -9.56 13.29 9.89
CA ARG A 454 -9.87 13.47 11.30
C ARG A 454 -10.47 12.19 11.89
N LEU A 455 -10.00 11.85 13.08
CA LEU A 455 -10.37 10.61 13.74
C LEU A 455 -11.21 10.84 14.98
N PHE A 456 -10.93 11.88 15.77
CA PHE A 456 -11.59 12.11 17.04
C PHE A 456 -12.12 13.53 17.10
N ARG A 457 -13.39 13.68 17.46
CA ARG A 457 -13.92 14.97 17.84
C ARG A 457 -15.19 14.75 18.66
N LYS A 458 -15.58 15.79 19.40
CA LYS A 458 -16.62 15.66 20.42
C LYS A 458 -18.03 15.77 19.88
N SER A 459 -18.23 16.22 18.64
CA SER A 459 -19.57 16.40 18.11
C SER A 459 -19.63 15.93 16.66
N ASN A 460 -20.81 15.51 16.24
CA ASN A 460 -21.00 15.05 14.88
C ASN A 460 -21.03 16.24 13.91
N LEU A 461 -20.92 15.94 12.62
CA LEU A 461 -20.86 16.96 11.59
C LEU A 461 -22.24 17.16 10.99
N LYS A 462 -22.70 18.41 10.98
CA LYS A 462 -23.85 18.77 10.20
C LYS A 462 -23.47 18.83 8.71
N PRO A 463 -24.42 18.59 7.82
CA PRO A 463 -24.07 18.38 6.41
C PRO A 463 -23.36 19.57 5.78
N PHE A 464 -22.39 19.27 4.91
CA PHE A 464 -21.73 20.23 4.03
C PHE A 464 -21.03 21.35 4.81
N GLU A 465 -20.03 20.95 5.60
CA GLU A 465 -19.09 21.91 6.15
C GLU A 465 -17.80 21.20 6.52
N ARG A 466 -16.75 22.01 6.68
CA ARG A 466 -15.42 21.52 6.97
C ARG A 466 -14.91 22.13 8.26
N ASP A 467 -14.19 21.32 9.04
CA ASP A 467 -13.53 21.78 10.24
C ASP A 467 -12.03 21.53 10.09
N ILE A 468 -11.24 22.58 10.29
CA ILE A 468 -9.79 22.48 10.14
C ILE A 468 -9.07 22.60 11.48
N SER A 469 -9.75 23.07 12.53
CA SER A 469 -9.12 23.32 13.82
C SER A 469 -8.44 22.07 14.34
N THR A 470 -7.19 22.23 14.77
CA THR A 470 -6.34 21.12 15.20
C THR A 470 -6.11 21.12 16.71
N GLU A 471 -7.01 21.72 17.48
CA GLU A 471 -6.87 21.73 18.93
C GLU A 471 -7.04 20.34 19.50
N ILE A 472 -6.19 19.99 20.47
CA ILE A 472 -6.25 18.68 21.10
C ILE A 472 -7.53 18.59 21.91
N TYR A 473 -8.43 17.70 21.51
CA TYR A 473 -9.69 17.56 22.21
C TYR A 473 -9.50 16.77 23.50
N GLN A 474 -10.46 16.91 24.41
CA GLN A 474 -10.39 16.30 25.73
C GLN A 474 -11.20 15.01 25.73
N ALA A 475 -10.50 13.87 25.85
CA ALA A 475 -11.19 12.59 25.90
C ALA A 475 -11.86 12.36 27.25
N GLY A 476 -11.16 12.68 28.33
CA GLY A 476 -11.65 12.47 29.67
C GLY A 476 -12.15 13.74 30.32
N SER A 477 -12.29 13.70 31.64
CA SER A 477 -12.71 14.86 32.42
C SER A 477 -11.56 15.70 32.94
N THR A 478 -10.33 15.29 32.69
CA THR A 478 -9.16 16.04 33.13
C THR A 478 -8.73 17.01 32.05
N PRO A 479 -8.66 18.32 32.33
CA PRO A 479 -8.24 19.27 31.30
C PRO A 479 -6.75 19.13 31.00
N CYS A 480 -6.42 19.09 29.72
CA CYS A 480 -5.03 18.97 29.27
C CYS A 480 -4.37 20.30 28.99
N ASN A 481 -5.09 21.41 29.14
CA ASN A 481 -4.54 22.76 28.93
C ASN A 481 -3.94 22.91 27.52
N GLY A 482 -4.60 22.30 26.54
CA GLY A 482 -4.17 22.44 25.16
C GLY A 482 -3.05 21.52 24.74
N VAL A 483 -2.14 21.21 25.67
CA VAL A 483 -1.00 20.36 25.34
C VAL A 483 -1.47 18.91 25.19
N GLU A 484 -0.77 18.16 24.36
CA GLU A 484 -1.11 16.77 24.10
C GLU A 484 -0.61 15.87 25.22
N GLY A 485 -1.43 14.89 25.58
CA GLY A 485 -1.05 13.97 26.63
C GLY A 485 -2.09 12.90 26.93
N PHE A 486 -2.23 12.54 28.20
CA PHE A 486 -3.18 11.51 28.60
C PHE A 486 -4.61 12.02 28.46
N ASN A 487 -5.48 11.18 27.90
CA ASN A 487 -6.89 11.48 27.71
C ASN A 487 -7.11 12.73 26.85
N CYS A 488 -6.14 13.03 25.98
CA CYS A 488 -6.29 14.13 25.03
C CYS A 488 -5.43 13.79 23.82
N TYR A 489 -6.07 13.49 22.69
CA TYR A 489 -5.41 12.91 21.53
C TYR A 489 -5.41 13.90 20.37
N PHE A 490 -4.49 13.68 19.45
CA PHE A 490 -4.42 14.47 18.22
C PHE A 490 -5.60 14.11 17.33
N PRO A 491 -6.45 15.06 16.96
CA PRO A 491 -7.63 14.71 16.14
C PRO A 491 -7.28 14.12 14.78
N LEU A 492 -6.18 14.54 14.16
CA LEU A 492 -5.84 14.10 12.82
C LEU A 492 -5.03 12.82 12.86
N GLN A 493 -5.21 11.99 11.82
CA GLN A 493 -4.49 10.74 11.65
C GLN A 493 -4.05 10.66 10.21
N SER A 494 -2.85 10.14 9.99
CA SER A 494 -2.22 10.18 8.67
C SER A 494 -2.49 8.90 7.90
N TYR A 495 -2.94 9.04 6.67
CA TYR A 495 -3.09 7.91 5.77
C TYR A 495 -1.71 7.39 5.36
N GLY A 496 -1.55 6.07 5.41
CA GLY A 496 -0.35 5.47 4.86
C GLY A 496 -0.66 4.76 3.56
N PHE A 497 -0.31 5.39 2.43
CA PHE A 497 -0.66 4.89 1.12
C PHE A 497 0.56 4.30 0.43
N GLN A 498 0.43 3.04 0.02
CA GLN A 498 1.48 2.31 -0.66
C GLN A 498 0.90 1.65 -1.90
N PRO A 499 1.71 1.45 -2.94
CA PRO A 499 1.18 0.77 -4.14
C PRO A 499 0.80 -0.68 -3.89
N THR A 500 1.29 -1.28 -2.81
CA THR A 500 1.05 -2.70 -2.53
C THR A 500 0.02 -2.90 -1.42
N ASN A 501 -0.78 -1.88 -1.11
CA ASN A 501 -1.85 -2.03 -0.15
C ASN A 501 -2.96 -2.90 -0.74
N GLY A 502 -3.91 -3.29 0.10
CA GLY A 502 -5.06 -4.02 -0.38
C GLY A 502 -5.89 -3.20 -1.34
N VAL A 503 -6.63 -3.90 -2.21
CA VAL A 503 -7.45 -3.21 -3.19
C VAL A 503 -8.51 -2.36 -2.50
N GLY A 504 -8.89 -2.75 -1.29
CA GLY A 504 -9.77 -1.94 -0.48
C GLY A 504 -9.11 -0.85 0.31
N TYR A 505 -7.79 -0.70 0.21
CA TYR A 505 -7.07 0.33 0.92
C TYR A 505 -6.29 1.26 -0.01
N GLN A 506 -6.45 1.11 -1.32
CA GLN A 506 -5.79 2.01 -2.25
C GLN A 506 -6.40 3.39 -2.14
N PRO A 507 -5.58 4.44 -2.33
CA PRO A 507 -6.12 5.80 -2.25
C PRO A 507 -7.05 6.13 -3.40
N TYR A 508 -8.32 6.32 -3.10
CA TYR A 508 -9.32 6.67 -4.10
C TYR A 508 -9.49 8.18 -4.15
N ARG A 509 -9.37 8.75 -5.35
CA ARG A 509 -9.66 10.15 -5.55
C ARG A 509 -11.16 10.30 -5.75
N VAL A 510 -11.79 11.15 -4.94
CA VAL A 510 -13.23 11.30 -4.91
C VAL A 510 -13.57 12.74 -5.25
N VAL A 511 -14.52 12.92 -6.17
CA VAL A 511 -15.14 14.21 -6.42
C VAL A 511 -16.63 14.04 -6.17
N VAL A 512 -17.24 15.05 -5.57
CA VAL A 512 -18.66 15.07 -5.27
C VAL A 512 -19.25 16.30 -5.94
N LEU A 513 -20.34 16.10 -6.67
CA LEU A 513 -21.06 17.20 -7.29
C LEU A 513 -22.32 17.48 -6.48
N SER A 514 -22.61 18.76 -6.27
CA SER A 514 -23.77 19.15 -5.49
C SER A 514 -24.48 20.28 -6.20
N PHE A 515 -25.81 20.19 -6.25
CA PHE A 515 -26.63 21.18 -6.93
C PHE A 515 -27.56 21.85 -5.92
N GLU A 516 -27.87 23.12 -6.20
CA GLU A 516 -28.75 23.89 -5.33
C GLU A 516 -29.76 24.63 -6.19
N LEU A 517 -30.92 24.90 -5.61
CA LEU A 517 -31.98 25.65 -6.26
C LEU A 517 -32.20 26.96 -5.52
N LEU A 518 -32.13 28.07 -6.25
CA LEU A 518 -32.35 29.39 -5.68
C LEU A 518 -33.18 30.20 -6.67
N HIS A 519 -33.35 31.49 -6.38
CA HIS A 519 -34.06 32.37 -7.30
C HIS A 519 -33.19 32.83 -8.47
N ALA A 520 -31.90 32.52 -8.46
CA ALA A 520 -31.03 32.92 -9.54
C ALA A 520 -31.36 32.15 -10.82
N PRO A 521 -31.16 32.76 -11.98
CA PRO A 521 -31.40 32.05 -13.24
C PRO A 521 -30.42 30.91 -13.45
N ALA A 522 -30.82 29.97 -14.29
CA ALA A 522 -30.01 28.79 -14.57
C ALA A 522 -28.79 29.16 -15.40
N THR A 523 -27.66 29.42 -14.74
CA THR A 523 -26.45 29.79 -15.47
C THR A 523 -25.82 28.59 -16.16
N VAL A 524 -25.74 27.45 -15.47
CA VAL A 524 -25.07 26.27 -16.01
C VAL A 524 -26.13 25.32 -16.56
N CYS A 525 -26.05 25.05 -17.86
CA CYS A 525 -26.96 24.12 -18.51
C CYS A 525 -26.21 23.36 -19.59
N GLY A 526 -26.78 22.22 -19.98
CA GLY A 526 -26.15 21.38 -20.97
C GLY A 526 -26.28 21.93 -22.37
N PRO A 527 -25.74 21.19 -23.34
CA PRO A 527 -25.74 21.61 -24.74
C PRO A 527 -27.14 21.59 -25.37
N GLN B 27 -1.18 -24.43 -6.85
CA GLN B 27 0.20 -24.23 -6.44
C GLN B 27 0.87 -23.20 -7.33
N VAL B 28 1.59 -22.25 -6.72
CA VAL B 28 2.26 -21.17 -7.44
C VAL B 28 3.73 -21.51 -7.59
N GLN B 29 4.24 -21.45 -8.81
CA GLN B 29 5.62 -21.79 -9.11
C GLN B 29 6.30 -20.63 -9.82
N LEU B 30 7.48 -20.26 -9.34
CA LEU B 30 8.32 -19.25 -9.98
C LEU B 30 9.65 -19.89 -10.33
N VAL B 31 10.03 -19.81 -11.60
CA VAL B 31 11.27 -20.40 -12.10
C VAL B 31 12.08 -19.32 -12.80
N GLN B 32 13.37 -19.25 -12.49
CA GLN B 32 14.27 -18.27 -13.06
C GLN B 32 15.29 -18.96 -13.96
N SER B 33 16.14 -18.15 -14.59
CA SER B 33 17.19 -18.66 -15.44
C SER B 33 18.41 -19.05 -14.61
N GLY B 34 19.41 -19.62 -15.27
CA GLY B 34 20.63 -19.99 -14.59
C GLY B 34 21.49 -18.78 -14.26
N ALA B 35 22.62 -19.04 -13.62
CA ALA B 35 23.53 -17.97 -13.23
C ALA B 35 24.27 -17.41 -14.44
N GLU B 36 24.54 -16.10 -14.40
CA GLU B 36 25.32 -15.42 -15.43
C GLU B 36 26.62 -14.89 -14.84
N VAL B 37 27.67 -14.91 -15.66
CA VAL B 37 28.92 -14.23 -15.37
C VAL B 37 29.19 -13.28 -16.54
N LYS B 38 29.17 -11.98 -16.26
CA LYS B 38 29.27 -10.96 -17.29
C LYS B 38 30.41 -10.00 -16.98
N LYS B 39 30.95 -9.38 -18.03
CA LYS B 39 31.94 -8.33 -17.86
C LYS B 39 31.26 -7.01 -17.53
N PRO B 40 31.92 -6.15 -16.75
CA PRO B 40 31.33 -4.85 -16.44
C PRO B 40 31.10 -4.02 -17.70
N GLY B 41 30.00 -3.27 -17.71
CA GLY B 41 29.65 -2.43 -18.84
C GLY B 41 28.83 -3.11 -19.91
N GLU B 42 28.59 -4.41 -19.79
CA GLU B 42 27.82 -5.15 -20.79
C GLU B 42 26.32 -4.93 -20.54
N SER B 43 25.49 -5.71 -21.23
CA SER B 43 24.05 -5.68 -21.07
C SER B 43 23.58 -7.07 -20.66
N LEU B 44 22.82 -7.14 -19.57
CA LEU B 44 22.37 -8.41 -19.02
C LEU B 44 20.87 -8.35 -18.76
N MET B 45 20.16 -9.40 -19.16
CA MET B 45 18.74 -9.53 -18.88
C MET B 45 18.50 -10.86 -18.18
N ILE B 46 17.91 -10.80 -16.99
CA ILE B 46 17.61 -11.98 -16.18
C ILE B 46 16.10 -12.08 -16.02
N SER B 47 15.56 -13.26 -16.28
CA SER B 47 14.12 -13.47 -16.33
C SER B 47 13.64 -14.30 -15.15
N CYS B 48 12.32 -14.28 -14.96
CA CYS B 48 11.66 -15.08 -13.93
C CYS B 48 10.27 -15.42 -14.46
N LYS B 49 10.03 -16.71 -14.70
CA LYS B 49 8.77 -17.18 -15.26
C LYS B 49 7.80 -17.55 -14.15
N ALA B 50 6.57 -17.08 -14.26
CA ALA B 50 5.54 -17.30 -13.25
C ALA B 50 4.42 -18.15 -13.81
N SER B 51 4.05 -19.20 -13.07
CA SER B 51 2.99 -20.09 -13.46
C SER B 51 2.27 -20.60 -12.21
N GLY B 52 1.04 -21.05 -12.39
CA GLY B 52 0.22 -21.51 -11.29
C GLY B 52 -0.78 -20.52 -10.77
N TYR B 53 -0.81 -19.31 -11.32
CA TYR B 53 -1.78 -18.29 -10.92
C TYR B 53 -2.01 -17.36 -12.11
N ASN B 54 -2.88 -16.37 -11.90
CA ASN B 54 -3.15 -15.37 -12.92
C ASN B 54 -2.08 -14.30 -12.87
N PHE B 55 -1.23 -14.24 -13.91
CA PHE B 55 -0.08 -13.35 -13.92
C PHE B 55 -0.47 -11.88 -13.91
N ARG B 56 -1.71 -11.55 -14.21
CA ARG B 56 -2.13 -10.17 -14.39
C ARG B 56 -2.66 -9.52 -13.12
N ASN B 57 -2.66 -10.22 -11.98
CA ASN B 57 -3.31 -9.70 -10.79
C ASN B 57 -2.48 -9.83 -9.51
N TYR B 58 -1.17 -10.02 -9.61
CA TYR B 58 -0.34 -10.18 -8.43
C TYR B 58 0.97 -9.42 -8.60
N TRP B 59 1.32 -8.63 -7.59
CA TRP B 59 2.59 -7.91 -7.62
C TRP B 59 3.74 -8.90 -7.58
N ILE B 60 4.79 -8.61 -8.34
CA ILE B 60 6.02 -9.39 -8.28
C ILE B 60 7.18 -8.43 -8.04
N ALA B 61 7.99 -8.73 -7.02
CA ALA B 61 9.06 -7.84 -6.57
C ALA B 61 10.40 -8.53 -6.70
N TRP B 62 11.43 -7.74 -6.96
CA TRP B 62 12.80 -8.23 -7.11
C TRP B 62 13.60 -7.90 -5.86
N VAL B 63 14.24 -8.90 -5.28
CA VAL B 63 14.99 -8.75 -4.04
C VAL B 63 16.42 -9.18 -4.30
N ARG B 64 17.37 -8.38 -3.82
CA ARG B 64 18.79 -8.61 -4.03
C ARG B 64 19.49 -8.82 -2.70
N GLN B 65 20.32 -9.86 -2.63
CA GLN B 65 21.10 -10.17 -1.43
C GLN B 65 22.58 -10.16 -1.79
N MET B 66 23.23 -9.01 -1.64
CA MET B 66 24.65 -8.90 -1.89
C MET B 66 25.44 -9.66 -0.83
N PRO B 67 26.59 -10.23 -1.19
CA PRO B 67 27.38 -10.98 -0.19
C PRO B 67 27.81 -10.08 0.95
N GLY B 68 27.63 -10.56 2.17
CA GLY B 68 27.91 -9.78 3.35
C GLY B 68 26.83 -8.79 3.73
N LYS B 69 25.70 -8.79 3.05
CA LYS B 69 24.60 -7.88 3.36
C LYS B 69 23.31 -8.68 3.42
N GLY B 70 22.32 -8.12 4.12
CA GLY B 70 21.03 -8.74 4.25
C GLY B 70 20.17 -8.57 3.00
N LEU B 71 19.01 -9.23 3.03
CA LEU B 71 18.08 -9.12 1.91
C LEU B 71 17.59 -7.69 1.77
N GLU B 72 17.36 -7.29 0.53
CA GLU B 72 17.06 -5.88 0.24
C GLU B 72 16.37 -5.79 -1.11
N TRP B 73 15.13 -5.29 -1.11
CA TRP B 73 14.37 -5.19 -2.34
C TRP B 73 14.97 -4.14 -3.28
N MET B 74 14.59 -4.23 -4.55
CA MET B 74 14.97 -3.22 -5.53
C MET B 74 13.77 -2.53 -6.15
N GLY B 75 12.78 -3.28 -6.61
CA GLY B 75 11.63 -2.69 -7.27
C GLY B 75 10.48 -3.66 -7.32
N ILE B 76 9.33 -3.13 -7.70
CA ILE B 76 8.10 -3.93 -7.80
C ILE B 76 7.47 -3.64 -9.16
N ILE B 77 6.72 -4.62 -9.66
CA ILE B 77 6.04 -4.48 -10.95
C ILE B 77 4.72 -5.22 -10.89
N HIS B 78 3.65 -4.58 -11.32
CA HIS B 78 2.33 -5.17 -11.35
C HIS B 78 1.87 -5.32 -12.79
N PRO B 79 1.97 -6.51 -13.38
CA PRO B 79 1.45 -6.68 -14.75
C PRO B 79 -0.05 -6.45 -14.80
N GLY B 80 -0.50 -5.91 -15.92
CA GLY B 80 -1.90 -5.54 -16.07
C GLY B 80 -2.11 -4.05 -15.97
N ASP B 81 -1.41 -3.41 -15.05
CA ASP B 81 -1.36 -1.96 -14.97
C ASP B 81 -0.06 -1.38 -15.50
N SER B 82 0.94 -2.22 -15.74
CA SER B 82 2.26 -1.78 -16.20
C SER B 82 2.83 -0.72 -15.26
N ASP B 83 2.62 -0.93 -13.96
CA ASP B 83 3.06 0.00 -12.94
C ASP B 83 4.35 -0.53 -12.32
N ILE B 84 5.46 0.15 -12.61
CA ILE B 84 6.79 -0.26 -12.17
C ILE B 84 7.35 0.83 -11.27
N ARG B 85 7.85 0.44 -10.11
CA ARG B 85 8.40 1.37 -9.13
C ARG B 85 9.73 0.83 -8.62
N TYR B 86 10.77 1.66 -8.65
CA TYR B 86 12.08 1.29 -8.15
C TYR B 86 12.36 2.01 -6.84
N ARG B 87 13.48 1.63 -6.22
CA ARG B 87 13.98 2.36 -5.07
C ARG B 87 14.50 3.73 -5.51
N PRO B 88 14.52 4.71 -4.60
CA PRO B 88 15.11 6.01 -4.96
C PRO B 88 16.56 5.92 -5.38
N SER B 89 17.33 5.01 -4.78
CA SER B 89 18.76 4.93 -5.10
C SER B 89 18.99 4.29 -6.46
N LEU B 90 18.18 3.29 -6.84
CA LEU B 90 18.35 2.56 -8.08
C LEU B 90 17.36 2.99 -9.16
N GLN B 91 16.99 4.28 -9.18
CA GLN B 91 15.96 4.74 -10.09
C GLN B 91 16.38 4.60 -11.55
N GLY B 92 17.64 4.91 -11.86
CA GLY B 92 18.06 4.93 -13.24
C GLY B 92 19.23 4.02 -13.57
N HIS B 93 19.28 2.86 -12.95
CA HIS B 93 20.34 1.89 -13.21
C HIS B 93 19.83 0.53 -13.67
N VAL B 94 18.71 0.07 -13.13
CA VAL B 94 18.10 -1.19 -13.54
C VAL B 94 16.72 -0.90 -14.09
N THR B 95 16.21 -1.83 -14.89
CA THR B 95 14.89 -1.67 -15.51
C THR B 95 14.13 -2.98 -15.38
N ILE B 96 12.93 -2.91 -14.82
CA ILE B 96 12.05 -4.06 -14.69
C ILE B 96 11.06 -4.03 -15.84
N SER B 97 10.69 -5.21 -16.34
CA SER B 97 9.73 -5.30 -17.42
C SER B 97 8.99 -6.62 -17.33
N ALA B 98 7.82 -6.67 -17.96
CA ALA B 98 6.98 -7.85 -17.96
C ALA B 98 6.45 -8.12 -19.37
N ASP B 99 6.23 -9.39 -19.66
CA ASP B 99 5.65 -9.83 -20.93
C ASP B 99 4.56 -10.84 -20.58
N LYS B 100 3.31 -10.36 -20.52
CA LYS B 100 2.20 -11.20 -20.08
C LYS B 100 1.84 -12.31 -21.07
N SER B 101 2.26 -12.20 -22.33
CA SER B 101 1.99 -13.28 -23.28
C SER B 101 2.69 -14.56 -22.87
N ILE B 102 3.95 -14.45 -22.44
CA ILE B 102 4.70 -15.61 -21.94
C ILE B 102 4.68 -15.67 -20.41
N THR B 103 4.24 -14.60 -19.73
CA THR B 103 4.21 -14.50 -18.27
C THR B 103 5.62 -14.64 -17.68
N THR B 104 6.47 -13.68 -18.03
CA THR B 104 7.81 -13.59 -17.48
C THR B 104 8.08 -12.15 -17.04
N ALA B 105 8.89 -12.00 -16.00
CA ALA B 105 9.31 -10.70 -15.51
C ALA B 105 10.81 -10.55 -15.73
N TYR B 106 11.21 -9.45 -16.36
CA TYR B 106 12.58 -9.25 -16.79
C TYR B 106 13.25 -8.17 -15.96
N LEU B 107 14.51 -8.41 -15.61
CA LEU B 107 15.37 -7.42 -14.98
C LEU B 107 16.57 -7.20 -15.89
N GLN B 108 16.77 -5.96 -16.33
CA GLN B 108 17.84 -5.66 -17.26
C GLN B 108 18.68 -4.51 -16.75
N TRP B 109 19.98 -4.57 -17.06
CA TRP B 109 20.93 -3.54 -16.71
C TRP B 109 21.30 -2.73 -17.95
N GLY B 110 21.24 -1.40 -17.83
CA GLY B 110 21.77 -0.57 -18.89
C GLY B 110 23.27 -0.72 -19.04
N SER B 111 23.97 -0.83 -17.90
CA SER B 111 25.42 -1.03 -17.91
C SER B 111 25.80 -1.63 -16.56
N LEU B 112 26.26 -2.88 -16.56
CA LEU B 112 26.58 -3.56 -15.31
C LEU B 112 27.77 -2.87 -14.63
N LYS B 113 27.69 -2.80 -13.31
CA LYS B 113 28.75 -2.23 -12.49
C LYS B 113 29.44 -3.33 -11.69
N ALA B 114 30.46 -2.94 -10.93
CA ALA B 114 31.20 -3.90 -10.13
C ALA B 114 30.47 -4.28 -8.85
N SER B 115 29.49 -3.49 -8.42
CA SER B 115 28.77 -3.72 -7.18
C SER B 115 27.44 -4.43 -7.39
N ASP B 116 27.16 -4.91 -8.60
CA ASP B 116 25.91 -5.58 -8.91
C ASP B 116 25.96 -7.09 -8.66
N THR B 117 27.08 -7.61 -8.18
CA THR B 117 27.17 -9.05 -7.91
C THR B 117 26.38 -9.39 -6.66
N ALA B 118 25.37 -10.25 -6.80
CA ALA B 118 24.47 -10.58 -5.71
C ALA B 118 23.59 -11.75 -6.14
N MET B 119 22.69 -12.15 -5.24
CA MET B 119 21.68 -13.16 -5.52
C MET B 119 20.34 -12.47 -5.71
N TYR B 120 19.69 -12.73 -6.84
CA TYR B 120 18.48 -12.02 -7.23
C TYR B 120 17.27 -12.94 -7.14
N TYR B 121 16.22 -12.47 -6.47
CA TYR B 121 15.01 -13.25 -6.22
C TYR B 121 13.82 -12.53 -6.84
N CYS B 122 12.85 -13.32 -7.31
CA CYS B 122 11.57 -12.79 -7.74
C CYS B 122 10.50 -13.36 -6.82
N THR B 123 9.70 -12.49 -6.21
CA THR B 123 8.73 -12.89 -5.21
C THR B 123 7.35 -12.40 -5.61
N ARG B 124 6.35 -13.25 -5.42
CA ARG B 124 4.95 -12.89 -5.65
C ARG B 124 4.37 -12.35 -4.35
N ILE B 125 3.98 -11.09 -4.35
CA ILE B 125 3.53 -10.43 -3.13
C ILE B 125 2.08 -10.77 -2.87
N THR B 126 1.81 -11.42 -1.74
CA THR B 126 0.44 -11.64 -1.29
C THR B 126 -0.02 -10.40 -0.53
N THR B 127 -1.02 -9.72 -1.08
CA THR B 127 -1.39 -8.40 -0.63
C THR B 127 -2.30 -8.48 0.60
N ASP B 128 -1.94 -7.73 1.64
CA ASP B 128 -2.75 -7.64 2.85
C ASP B 128 -3.05 -6.16 3.11
N ALA B 129 -4.25 -5.91 3.64
CA ALA B 129 -4.73 -4.54 3.80
C ALA B 129 -3.92 -3.79 4.84
N ASP B 130 -3.77 -2.48 4.62
CA ASP B 130 -3.00 -1.60 5.50
C ASP B 130 -1.58 -2.11 5.70
N SER B 131 -0.96 -2.56 4.61
CA SER B 131 0.33 -3.19 4.67
C SER B 131 1.07 -2.97 3.36
N SER B 132 2.37 -3.23 3.39
CA SER B 132 3.18 -3.16 2.18
C SER B 132 3.17 -4.47 1.40
N GLY B 133 2.44 -5.47 1.86
CA GLY B 133 2.41 -6.74 1.18
C GLY B 133 3.45 -7.71 1.72
N LEU B 134 3.17 -8.99 1.54
CA LEU B 134 3.97 -10.06 2.11
C LEU B 134 4.66 -10.83 1.00
N PHE B 135 5.99 -10.96 1.10
CA PHE B 135 6.73 -11.79 0.15
C PHE B 135 6.42 -13.24 0.45
N HIS B 136 5.51 -13.82 -0.33
CA HIS B 136 4.94 -15.13 -0.03
C HIS B 136 5.67 -16.27 -0.73
N TYR B 137 5.73 -16.24 -2.06
CA TYR B 137 6.35 -17.29 -2.85
C TYR B 137 7.60 -16.73 -3.51
N TRP B 138 8.69 -17.49 -3.43
CA TRP B 138 9.99 -17.05 -3.91
C TRP B 138 10.47 -17.94 -5.05
N GLY B 139 11.17 -17.34 -6.00
CA GLY B 139 11.84 -18.11 -7.02
C GLY B 139 13.12 -18.74 -6.50
N GLN B 140 13.68 -19.64 -7.31
CA GLN B 140 14.87 -20.36 -6.90
C GLN B 140 16.11 -19.48 -6.78
N GLY B 141 16.06 -18.27 -7.31
CA GLY B 141 17.18 -17.36 -7.23
C GLY B 141 18.21 -17.58 -8.32
N THR B 142 19.03 -16.56 -8.54
CA THR B 142 20.03 -16.61 -9.60
C THR B 142 21.22 -15.74 -9.22
N LEU B 143 22.40 -16.35 -9.13
CA LEU B 143 23.61 -15.62 -8.84
C LEU B 143 24.09 -14.87 -10.07
N VAL B 144 24.43 -13.61 -9.90
CA VAL B 144 25.02 -12.79 -10.95
C VAL B 144 26.38 -12.32 -10.44
N THR B 145 27.42 -12.54 -11.23
CA THR B 145 28.78 -12.16 -10.86
C THR B 145 29.37 -11.26 -11.94
N VAL B 146 30.01 -10.19 -11.50
CA VAL B 146 30.65 -9.22 -12.40
C VAL B 146 32.13 -9.22 -12.10
N SER B 147 32.94 -9.49 -13.12
CA SER B 147 34.39 -9.52 -12.96
C SER B 147 35.03 -9.36 -14.33
N SER B 148 36.33 -9.07 -14.32
CA SER B 148 37.08 -8.89 -15.55
C SER B 148 37.99 -10.10 -15.81
N GLU C 27 12.74 4.54 6.58
CA GLU C 27 13.79 3.55 6.82
C GLU C 27 13.65 2.95 8.22
N ILE C 28 13.50 1.63 8.28
CA ILE C 28 13.33 0.91 9.53
C ILE C 28 14.38 -0.19 9.62
N VAL C 29 15.09 -0.24 10.74
CA VAL C 29 16.14 -1.21 10.96
C VAL C 29 15.72 -2.15 12.09
N LEU C 30 15.96 -3.45 11.90
CA LEU C 30 15.55 -4.46 12.85
C LEU C 30 16.77 -5.23 13.36
N THR C 31 16.64 -5.80 14.54
CA THR C 31 17.72 -6.52 15.19
C THR C 31 17.20 -7.88 15.67
N GLN C 32 18.05 -8.90 15.59
CA GLN C 32 17.72 -10.23 16.06
C GLN C 32 18.70 -10.64 17.13
N SER C 33 18.19 -11.24 18.20
CA SER C 33 19.01 -11.74 19.28
C SER C 33 18.55 -13.14 19.65
N PRO C 34 19.45 -14.12 19.76
CA PRO C 34 20.87 -13.96 19.45
C PRO C 34 21.17 -14.16 17.96
N SER C 35 22.32 -13.65 17.50
CA SER C 35 22.72 -13.86 16.12
C SER C 35 22.99 -15.33 15.82
N THR C 36 23.60 -16.03 16.77
CA THR C 36 23.84 -17.47 16.66
C THR C 36 23.36 -18.15 17.91
N LEU C 37 22.69 -19.29 17.75
CA LEU C 37 22.15 -20.03 18.88
C LEU C 37 21.98 -21.48 18.49
N SER C 38 22.57 -22.38 19.28
CA SER C 38 22.54 -23.81 19.00
C SER C 38 21.95 -24.55 20.19
N ALA C 39 21.17 -25.59 19.89
CA ALA C 39 20.56 -26.43 20.90
C ALA C 39 20.43 -27.83 20.35
N SER C 40 19.85 -28.73 21.15
CA SER C 40 19.69 -30.12 20.76
C SER C 40 18.26 -30.37 20.27
N VAL C 41 18.02 -31.60 19.83
CA VAL C 41 16.70 -31.97 19.32
C VAL C 41 15.70 -31.99 20.48
N GLY C 42 14.56 -31.33 20.28
CA GLY C 42 13.53 -31.25 21.30
C GLY C 42 13.64 -30.07 22.23
N ASP C 43 14.67 -29.25 22.11
CA ASP C 43 14.84 -28.11 23.00
C ASP C 43 13.90 -26.98 22.60
N ARG C 44 13.78 -26.00 23.50
CA ARG C 44 12.95 -24.82 23.29
C ARG C 44 13.85 -23.67 22.85
N VAL C 45 13.57 -23.14 21.66
CA VAL C 45 14.38 -22.08 21.05
C VAL C 45 13.54 -20.81 20.99
N THR C 46 14.06 -19.73 21.55
CA THR C 46 13.41 -18.43 21.53
C THR C 46 14.26 -17.45 20.75
N ILE C 47 13.66 -16.80 19.76
CA ILE C 47 14.34 -15.82 18.92
C ILE C 47 13.62 -14.50 19.05
N THR C 48 14.38 -13.44 19.35
CA THR C 48 13.81 -12.12 19.62
C THR C 48 14.17 -11.17 18.49
N CYS C 49 13.16 -10.55 17.90
CA CYS C 49 13.34 -9.53 16.87
C CYS C 49 12.85 -8.20 17.42
N ARG C 50 13.72 -7.20 17.40
CA ARG C 50 13.42 -5.88 17.96
C ARG C 50 13.45 -4.85 16.85
N ALA C 51 12.54 -3.89 16.91
CA ALA C 51 12.35 -2.90 15.87
C ALA C 51 12.87 -1.53 16.31
N SER C 52 13.24 -0.73 15.32
CA SER C 52 13.66 0.64 15.62
C SER C 52 12.48 1.51 16.03
N GLN C 53 11.38 1.44 15.28
CA GLN C 53 10.17 2.17 15.60
C GLN C 53 9.00 1.20 15.66
N ASN C 54 7.79 1.74 15.82
CA ASN C 54 6.61 0.91 16.03
C ASN C 54 6.14 0.31 14.71
N ILE C 55 5.97 -1.01 14.70
CA ILE C 55 5.51 -1.76 13.54
C ILE C 55 4.18 -2.46 13.80
N TYR C 56 3.55 -2.18 14.95
CA TYR C 56 2.30 -2.84 15.32
C TYR C 56 2.49 -4.36 15.33
N THR C 57 1.96 -5.03 14.31
CA THR C 57 2.08 -6.49 14.21
C THR C 57 2.43 -6.95 12.81
N TRP C 58 3.03 -6.08 11.98
CA TRP C 58 3.32 -6.42 10.59
C TRP C 58 4.71 -7.02 10.47
N LEU C 59 4.94 -8.12 11.19
CA LEU C 59 6.20 -8.83 11.14
C LEU C 59 5.96 -10.25 10.62
N ALA C 60 6.79 -10.68 9.69
CA ALA C 60 6.73 -12.02 9.14
C ALA C 60 8.07 -12.71 9.34
N TRP C 61 8.01 -14.01 9.64
CA TRP C 61 9.20 -14.81 9.93
C TRP C 61 9.45 -15.77 8.79
N TYR C 62 10.68 -15.80 8.30
CA TYR C 62 11.07 -16.64 7.18
C TYR C 62 12.09 -17.67 7.63
N GLN C 63 12.10 -18.82 6.96
CA GLN C 63 13.14 -19.82 7.12
C GLN C 63 13.89 -19.98 5.81
N ARG C 64 15.22 -19.91 5.88
CA ARG C 64 16.05 -19.98 4.69
C ARG C 64 17.12 -21.05 4.87
N LYS C 65 17.10 -22.05 3.99
CA LYS C 65 18.17 -23.02 3.93
C LYS C 65 19.34 -22.46 3.12
N PRO C 66 20.55 -22.93 3.38
CA PRO C 66 21.71 -22.42 2.63
C PRO C 66 21.57 -22.66 1.14
N GLY C 67 21.60 -21.57 0.38
CA GLY C 67 21.47 -21.68 -1.07
C GLY C 67 20.08 -21.98 -1.56
N LYS C 68 19.05 -21.69 -0.77
CA LYS C 68 17.67 -21.93 -1.15
C LYS C 68 16.83 -20.71 -0.86
N ALA C 69 15.71 -20.60 -1.55
CA ALA C 69 14.80 -19.48 -1.35
C ALA C 69 14.16 -19.56 0.05
N PRO C 70 13.99 -18.44 0.73
CA PRO C 70 13.32 -18.47 2.03
C PRO C 70 11.86 -18.86 1.91
N LYS C 71 11.35 -19.46 2.98
CA LYS C 71 9.96 -19.87 3.08
C LYS C 71 9.30 -19.15 4.26
N VAL C 72 8.10 -18.63 4.03
CA VAL C 72 7.40 -17.89 5.09
C VAL C 72 6.86 -18.87 6.12
N LEU C 73 7.10 -18.58 7.40
CA LEU C 73 6.59 -19.39 8.49
C LEU C 73 5.43 -18.72 9.22
N ILE C 74 5.63 -17.49 9.67
CA ILE C 74 4.62 -16.74 10.40
C ILE C 74 4.37 -15.43 9.65
N TYR C 75 3.10 -15.04 9.57
CA TYR C 75 2.75 -13.73 9.03
C TYR C 75 1.74 -13.09 9.97
N LYS C 76 1.69 -11.75 9.95
CA LYS C 76 0.93 -10.95 10.91
C LYS C 76 1.46 -11.13 12.33
N ALA C 77 2.66 -11.70 12.48
CA ALA C 77 3.38 -11.92 13.71
C ALA C 77 2.75 -12.98 14.63
N SER C 78 1.58 -13.51 14.28
CA SER C 78 0.98 -14.55 15.12
C SER C 78 0.26 -15.63 14.34
N SER C 79 0.26 -15.61 13.02
CA SER C 79 -0.54 -16.53 12.21
C SER C 79 0.36 -17.54 11.53
N LEU C 80 0.01 -18.82 11.65
CA LEU C 80 0.76 -19.88 11.01
C LEU C 80 0.37 -20.01 9.54
N GLU C 81 1.37 -20.24 8.69
CA GLU C 81 1.11 -20.45 7.28
C GLU C 81 0.69 -21.90 7.03
N SER C 82 -0.10 -22.10 5.98
CA SER C 82 -0.62 -23.42 5.67
C SER C 82 0.53 -24.36 5.30
N GLY C 83 0.54 -25.53 5.94
CA GLY C 83 1.57 -26.52 5.69
C GLY C 83 2.74 -26.51 6.66
N VAL C 84 2.93 -25.42 7.38
CA VAL C 84 4.02 -25.32 8.36
C VAL C 84 3.62 -26.11 9.61
N PRO C 85 4.54 -26.88 10.19
CA PRO C 85 4.22 -27.59 11.44
C PRO C 85 3.88 -26.62 12.55
N SER C 86 3.01 -27.07 13.46
CA SER C 86 2.52 -26.21 14.53
C SER C 86 3.57 -25.91 15.59
N ARG C 87 4.76 -26.50 15.49
CA ARG C 87 5.79 -26.23 16.49
C ARG C 87 6.19 -24.76 16.49
N PHE C 88 6.31 -24.15 15.31
CA PHE C 88 6.63 -22.73 15.23
C PHE C 88 5.46 -21.91 15.77
N SER C 89 5.77 -20.84 16.49
CA SER C 89 4.74 -19.96 17.03
C SER C 89 5.25 -18.54 17.06
N GLY C 90 4.36 -17.60 16.79
CA GLY C 90 4.69 -16.18 16.80
C GLY C 90 3.96 -15.45 17.90
N SER C 91 4.62 -14.45 18.48
CA SER C 91 4.05 -13.69 19.58
C SER C 91 4.68 -12.30 19.61
N GLY C 92 4.04 -11.41 20.36
CA GLY C 92 4.53 -10.05 20.53
C GLY C 92 3.81 -9.07 19.63
N SER C 93 4.02 -7.80 19.94
CA SER C 93 3.42 -6.69 19.20
C SER C 93 4.23 -5.44 19.52
N GLY C 94 3.91 -4.34 18.85
CA GLY C 94 4.63 -3.10 19.06
C GLY C 94 6.03 -3.12 18.49
N THR C 95 7.04 -3.16 19.37
CA THR C 95 8.43 -3.22 18.95
C THR C 95 9.15 -4.47 19.46
N GLU C 96 8.52 -5.27 20.31
CA GLU C 96 9.11 -6.50 20.82
C GLU C 96 8.37 -7.69 20.21
N PHE C 97 9.11 -8.54 19.52
CA PHE C 97 8.55 -9.73 18.89
C PHE C 97 9.39 -10.94 19.28
N THR C 98 8.75 -12.10 19.33
CA THR C 98 9.42 -13.33 19.75
C THR C 98 9.02 -14.48 18.84
N LEU C 99 10.02 -15.25 18.41
CA LEU C 99 9.80 -16.53 17.74
C LEU C 99 10.16 -17.65 18.70
N THR C 100 9.24 -18.61 18.87
CA THR C 100 9.43 -19.71 19.78
C THR C 100 9.29 -21.03 19.04
N ILE C 101 10.24 -21.93 19.24
CA ILE C 101 10.21 -23.27 18.67
C ILE C 101 9.91 -24.23 19.82
N SER C 102 8.75 -24.87 19.78
CA SER C 102 8.32 -25.70 20.89
C SER C 102 9.25 -26.89 21.10
N SER C 103 9.66 -27.54 20.01
CA SER C 103 10.54 -28.72 20.09
C SER C 103 11.42 -28.73 18.85
N LEU C 104 12.73 -28.58 19.06
CA LEU C 104 13.66 -28.58 17.94
C LEU C 104 13.76 -29.97 17.33
N GLN C 105 13.79 -30.03 16.01
CA GLN C 105 13.84 -31.28 15.26
C GLN C 105 14.81 -31.10 14.10
N PRO C 106 15.29 -32.19 13.51
CA PRO C 106 16.35 -32.07 12.49
C PRO C 106 15.98 -31.18 11.31
N ASP C 107 14.70 -31.06 10.96
CA ASP C 107 14.31 -30.17 9.88
C ASP C 107 14.22 -28.71 10.30
N ASP C 108 14.33 -28.42 11.60
CA ASP C 108 14.27 -27.03 12.06
C ASP C 108 15.58 -26.29 11.90
N PHE C 109 16.67 -26.98 11.58
CA PHE C 109 17.98 -26.35 11.54
C PHE C 109 18.13 -25.56 10.25
N ALA C 110 18.03 -24.24 10.36
CA ALA C 110 18.20 -23.31 9.25
C ALA C 110 18.37 -21.92 9.84
N THR C 111 18.38 -20.90 8.99
CA THR C 111 18.48 -19.52 9.41
C THR C 111 17.13 -18.82 9.28
N TYR C 112 16.93 -17.81 10.12
CA TYR C 112 15.62 -17.16 10.26
C TYR C 112 15.76 -15.65 10.10
N TYR C 113 14.83 -15.07 9.34
CA TYR C 113 14.77 -13.63 9.12
C TYR C 113 13.42 -13.12 9.55
N CYS C 114 13.40 -11.98 10.25
CA CYS C 114 12.17 -11.30 10.64
C CYS C 114 12.01 -10.08 9.75
N GLN C 115 11.06 -10.14 8.83
CA GLN C 115 10.86 -9.08 7.84
C GLN C 115 9.60 -8.31 8.15
N GLN C 116 9.74 -7.00 8.33
CA GLN C 116 8.60 -6.13 8.58
C GLN C 116 8.06 -5.60 7.25
N TYR C 117 6.75 -5.35 7.21
CA TYR C 117 6.16 -4.81 6.00
C TYR C 117 5.13 -3.73 6.31
N LYS C 118 5.33 -2.98 7.39
CA LYS C 118 4.42 -1.89 7.71
C LYS C 118 4.63 -0.70 6.79
N SER C 119 5.89 -0.31 6.58
CA SER C 119 6.23 0.86 5.78
C SER C 119 6.87 0.51 4.46
N ALA C 120 7.97 -0.24 4.49
CA ALA C 120 8.59 -0.79 3.30
C ALA C 120 9.33 -2.03 3.71
N TRP C 121 9.35 -3.02 2.83
CA TRP C 121 9.89 -4.32 3.21
C TRP C 121 11.35 -4.21 3.63
N SER C 122 11.67 -4.71 4.81
CA SER C 122 13.02 -4.68 5.34
C SER C 122 13.24 -5.92 6.19
N PHE C 123 14.40 -6.54 6.02
CA PHE C 123 14.73 -7.78 6.69
C PHE C 123 15.74 -7.55 7.80
N GLY C 124 15.78 -8.49 8.73
CA GLY C 124 16.80 -8.48 9.77
C GLY C 124 18.10 -9.10 9.29
N GLN C 125 19.10 -9.07 10.18
CA GLN C 125 20.39 -9.63 9.84
C GLN C 125 20.40 -11.15 9.82
N GLY C 126 19.38 -11.79 10.40
CA GLY C 126 19.29 -13.24 10.36
C GLY C 126 19.95 -13.90 11.55
N THR C 127 19.44 -15.09 11.90
CA THR C 127 19.96 -15.89 12.99
C THR C 127 20.14 -17.32 12.51
N LYS C 128 21.33 -17.88 12.74
CA LYS C 128 21.68 -19.21 12.28
C LYS C 128 21.71 -20.17 13.46
N VAL C 129 21.04 -21.31 13.31
CA VAL C 129 20.99 -22.34 14.34
C VAL C 129 21.61 -23.61 13.80
N GLU C 130 22.11 -24.45 14.70
CA GLU C 130 22.76 -25.70 14.33
C GLU C 130 22.72 -26.65 15.52
N ILE C 131 23.17 -27.88 15.29
CA ILE C 131 23.20 -28.88 16.35
C ILE C 131 24.24 -28.50 17.40
N LYS C 132 24.14 -29.13 18.56
CA LYS C 132 25.09 -28.91 19.64
C LYS C 132 25.92 -30.15 19.91
C1 NAG D . -9.03 15.28 -18.40
C2 NAG D . -8.45 14.13 -19.22
C3 NAG D . -9.49 13.62 -20.22
C4 NAG D . -10.80 13.30 -19.52
C5 NAG D . -11.27 14.49 -18.70
C6 NAG D . -12.50 14.20 -17.89
C7 NAG D . -6.32 13.67 -20.35
C8 NAG D . -5.12 14.27 -21.03
N2 NAG D . -7.23 14.54 -19.90
O3 NAG D . -8.98 12.46 -20.88
O4 NAG D . -11.79 12.97 -20.49
O5 NAG D . -10.24 14.87 -17.77
O6 NAG D . -13.17 15.40 -17.51
O7 NAG D . -6.45 12.45 -20.22
#